data_1HX8
#
_entry.id   1HX8
#
_cell.length_a   105.632
_cell.length_b   106.933
_cell.length_c   79.207
_cell.angle_alpha   90.00
_cell.angle_beta   119.30
_cell.angle_gamma   90.00
#
_symmetry.space_group_name_H-M   'C 1 2 1'
#
loop_
_entity.id
_entity.type
_entity.pdbx_description
1 polymer 'SYNAPSE-ENRICHED CLATHRIN ADAPTOR PROTEIN LAP'
2 non-polymer 'SULFATE ION'
3 water water
#
_entity_poly.entity_id   1
_entity_poly.type   'polypeptide(L)'
_entity_poly.pdbx_seq_one_letter_code
;MTMAGQTINDRLLAARHSLAGQGLAKSVCKATTEECIGPKKKHLDYLVHCANEPNVSIPHLANLLIERSQNANWVVVYKS
LITTHHLMAYGNERFMQYLASSNSTFNLSSFLDKGTVQDGGMGVPGGRMGYDMSPFIRRYAKYLNEKSLSYRAMAFDFCK
VKRGKEEGSLRSMNAEKLLKTLPVLQAQLDALLEFDCQSNDLSNGVINMSFMLLFRDLIRLFACYNDGIINLLEKYFDMN
KKHARDALDLYKKFLVRMDRVGEFLKVAENVGIDKGDIPDLTKAPSSLLDALEQHLATL
;
_entity_poly.pdbx_strand_id   A,B
#
loop_
_chem_comp.id
_chem_comp.type
_chem_comp.name
_chem_comp.formula
SO4 non-polymer 'SULFATE ION' 'O4 S -2'
#
# COMPACT_ATOMS: atom_id res chain seq x y z
N GLN A 22 -20.35 -11.11 -25.62
CA GLN A 22 -19.28 -11.96 -25.10
C GLN A 22 -19.03 -11.73 -23.61
N GLY A 23 -18.85 -12.82 -22.88
CA GLY A 23 -18.60 -12.70 -21.46
C GLY A 23 -17.27 -11.99 -21.23
N LEU A 24 -16.46 -11.94 -22.27
CA LEU A 24 -15.15 -11.31 -22.21
C LEU A 24 -15.15 -9.95 -21.54
N ALA A 25 -15.75 -8.97 -22.19
CA ALA A 25 -15.79 -7.61 -21.66
C ALA A 25 -16.00 -7.59 -20.16
N LYS A 26 -17.13 -8.12 -19.71
CA LYS A 26 -17.48 -8.14 -18.29
C LYS A 26 -16.39 -8.78 -17.43
N SER A 27 -15.80 -9.85 -17.96
CA SER A 27 -14.74 -10.57 -17.26
C SER A 27 -13.46 -9.75 -17.19
N VAL A 28 -13.15 -9.03 -18.26
CA VAL A 28 -11.94 -8.21 -18.27
C VAL A 28 -12.10 -7.07 -17.28
N CYS A 29 -13.33 -6.58 -17.11
CA CYS A 29 -13.60 -5.49 -16.17
C CYS A 29 -13.55 -6.00 -14.72
N LYS A 30 -14.03 -7.21 -14.49
CA LYS A 30 -14.01 -7.75 -13.13
C LYS A 30 -12.58 -7.98 -12.64
N ALA A 31 -11.66 -8.23 -13.57
CA ALA A 31 -10.26 -8.47 -13.23
C ALA A 31 -9.44 -7.19 -13.14
N THR A 32 -10.02 -6.11 -13.66
CA THR A 32 -9.37 -4.80 -13.68
C THR A 32 -10.19 -3.71 -13.00
N THR A 33 -10.75 -4.01 -11.83
CA THR A 33 -11.55 -3.05 -11.07
C THR A 33 -10.62 -2.11 -10.32
N GLU A 34 -11.14 -0.95 -9.93
CA GLU A 34 -10.40 0.08 -9.19
C GLU A 34 -10.01 -0.36 -7.79
N GLU A 35 -10.63 -1.42 -7.29
CA GLU A 35 -10.31 -1.89 -5.95
C GLU A 35 -8.81 -2.17 -5.90
N CYS A 36 -8.14 -1.62 -4.91
CA CYS A 36 -6.70 -1.78 -4.81
C CYS A 36 -6.14 -3.09 -4.31
N ILE A 37 -6.43 -4.17 -5.03
CA ILE A 37 -5.86 -5.48 -4.70
C ILE A 37 -5.69 -6.16 -6.04
N GLY A 38 -4.86 -7.19 -6.09
CA GLY A 38 -4.63 -7.88 -7.34
C GLY A 38 -5.84 -8.56 -7.93
N PRO A 39 -5.85 -8.79 -9.25
CA PRO A 39 -6.97 -9.44 -9.91
C PRO A 39 -7.26 -10.79 -9.20
N LYS A 40 -8.53 -11.09 -9.00
CA LYS A 40 -8.93 -12.31 -8.33
C LYS A 40 -8.74 -13.58 -9.16
N LYS A 41 -8.28 -14.64 -8.49
CA LYS A 41 -8.04 -15.92 -9.14
C LYS A 41 -9.17 -16.41 -10.04
N LYS A 42 -10.41 -16.24 -9.58
CA LYS A 42 -11.54 -16.71 -10.38
C LYS A 42 -11.58 -16.06 -11.77
N HIS A 43 -11.49 -14.74 -11.81
CA HIS A 43 -11.53 -14.04 -13.08
C HIS A 43 -10.32 -14.38 -13.93
N LEU A 44 -9.13 -14.46 -13.32
CA LEU A 44 -7.96 -14.79 -14.11
C LEU A 44 -8.14 -16.19 -14.73
N ASP A 45 -8.67 -17.12 -13.96
CA ASP A 45 -8.91 -18.48 -14.47
C ASP A 45 -9.93 -18.52 -15.61
N TYR A 46 -10.95 -17.66 -15.55
CA TYR A 46 -11.97 -17.63 -16.60
C TYR A 46 -11.35 -17.15 -17.90
N LEU A 47 -10.62 -16.05 -17.79
CA LEU A 47 -9.95 -15.46 -18.93
C LEU A 47 -8.96 -16.45 -19.56
N VAL A 48 -8.30 -17.25 -18.73
CA VAL A 48 -7.36 -18.22 -19.28
C VAL A 48 -8.15 -19.28 -20.07
N HIS A 49 -9.29 -19.69 -19.52
CA HIS A 49 -10.15 -20.66 -20.19
C HIS A 49 -10.47 -20.08 -21.58
N CYS A 50 -11.04 -18.88 -21.59
CA CYS A 50 -11.41 -18.23 -22.84
C CYS A 50 -10.23 -18.16 -23.80
N ALA A 51 -9.08 -17.73 -23.30
CA ALA A 51 -7.91 -17.58 -24.12
C ALA A 51 -7.45 -18.86 -24.82
N ASN A 52 -7.77 -20.01 -24.25
CA ASN A 52 -7.35 -21.27 -24.86
C ASN A 52 -8.39 -21.83 -25.83
N GLU A 53 -9.61 -21.29 -25.77
CA GLU A 53 -10.68 -21.72 -26.65
C GLU A 53 -10.52 -21.21 -28.10
N PRO A 54 -10.34 -22.13 -29.07
CA PRO A 54 -10.17 -21.85 -30.51
C PRO A 54 -11.24 -20.96 -31.15
N ASN A 55 -12.43 -20.91 -30.57
CA ASN A 55 -13.53 -20.09 -31.10
C ASN A 55 -13.61 -18.69 -30.50
N VAL A 56 -12.62 -18.33 -29.69
CA VAL A 56 -12.59 -17.01 -29.09
C VAL A 56 -11.60 -16.11 -29.79
N SER A 57 -11.99 -14.86 -29.99
CA SER A 57 -11.14 -13.88 -30.65
C SER A 57 -10.06 -13.38 -29.71
N ILE A 58 -8.83 -13.75 -30.02
CA ILE A 58 -7.72 -13.33 -29.21
C ILE A 58 -7.57 -11.83 -29.38
N PRO A 59 -7.64 -11.35 -30.63
CA PRO A 59 -7.50 -9.91 -30.87
C PRO A 59 -8.50 -9.11 -30.03
N HIS A 60 -9.74 -9.56 -30.01
CA HIS A 60 -10.74 -8.88 -29.22
C HIS A 60 -10.34 -8.83 -27.74
N LEU A 61 -9.95 -9.98 -27.19
CA LEU A 61 -9.54 -10.06 -25.77
C LEU A 61 -8.35 -9.16 -25.46
N ALA A 62 -7.43 -9.06 -26.40
CA ALA A 62 -6.25 -8.24 -26.24
C ALA A 62 -6.64 -6.78 -26.25
N ASN A 63 -7.52 -6.42 -27.20
CA ASN A 63 -7.97 -5.04 -27.30
C ASN A 63 -8.69 -4.60 -26.03
N LEU A 64 -9.46 -5.50 -25.44
CA LEU A 64 -10.17 -5.18 -24.20
C LEU A 64 -9.18 -4.86 -23.10
N LEU A 65 -8.11 -5.65 -23.01
CA LEU A 65 -7.09 -5.41 -21.99
C LEU A 65 -6.32 -4.13 -22.33
N ILE A 66 -6.00 -3.93 -23.61
CA ILE A 66 -5.26 -2.74 -24.02
C ILE A 66 -6.11 -1.50 -23.69
N GLU A 67 -7.41 -1.59 -23.96
CA GLU A 67 -8.35 -0.51 -23.65
C GLU A 67 -8.24 -0.13 -22.16
N ARG A 68 -8.28 -1.12 -21.28
CA ARG A 68 -8.16 -0.87 -19.84
C ARG A 68 -6.79 -0.30 -19.48
N SER A 69 -5.75 -0.68 -20.21
CA SER A 69 -4.43 -0.17 -19.89
C SER A 69 -4.30 1.32 -20.23
N GLN A 70 -5.32 1.86 -20.90
CA GLN A 70 -5.38 3.26 -21.30
C GLN A 70 -6.17 4.08 -20.27
N ASN A 71 -6.59 3.43 -19.19
CA ASN A 71 -7.37 4.11 -18.16
C ASN A 71 -6.49 5.15 -17.44
N ALA A 72 -7.12 6.09 -16.76
CA ALA A 72 -6.36 7.14 -16.07
C ALA A 72 -5.99 6.68 -14.67
N ASN A 73 -6.74 5.72 -14.14
CA ASN A 73 -6.50 5.21 -12.78
C ASN A 73 -5.39 4.14 -12.74
N TRP A 74 -4.27 4.45 -12.08
CA TRP A 74 -3.15 3.52 -11.98
C TRP A 74 -3.53 2.10 -11.53
N VAL A 75 -4.55 1.96 -10.70
CA VAL A 75 -4.94 0.65 -10.22
C VAL A 75 -5.47 -0.20 -11.35
N VAL A 76 -6.31 0.42 -12.18
CA VAL A 76 -6.91 -0.24 -13.32
C VAL A 76 -5.85 -0.60 -14.34
N VAL A 77 -4.90 0.30 -14.56
CA VAL A 77 -3.82 0.07 -15.50
C VAL A 77 -2.90 -1.09 -15.07
N TYR A 78 -2.39 -1.01 -13.86
CA TYR A 78 -1.51 -2.02 -13.32
C TYR A 78 -2.19 -3.40 -13.32
N LYS A 79 -3.44 -3.46 -12.89
CA LYS A 79 -4.14 -4.72 -12.89
C LYS A 79 -4.32 -5.28 -14.32
N SER A 80 -4.49 -4.39 -15.30
CA SER A 80 -4.64 -4.80 -16.68
C SER A 80 -3.28 -5.40 -17.11
N LEU A 81 -2.19 -4.80 -16.66
CA LEU A 81 -0.89 -5.35 -17.00
C LEU A 81 -0.72 -6.73 -16.30
N ILE A 82 -1.11 -6.82 -15.04
CA ILE A 82 -0.99 -8.10 -14.33
C ILE A 82 -1.85 -9.19 -15.01
N THR A 83 -3.02 -8.83 -15.51
CA THR A 83 -3.89 -9.81 -16.15
C THR A 83 -3.23 -10.31 -17.44
N THR A 84 -2.67 -9.39 -18.20
CA THR A 84 -1.97 -9.73 -19.42
C THR A 84 -0.78 -10.65 -19.11
N HIS A 85 -0.01 -10.33 -18.07
CA HIS A 85 1.15 -11.14 -17.71
C HIS A 85 0.60 -12.56 -17.37
N HIS A 86 -0.44 -12.62 -16.57
CA HIS A 86 -1.01 -13.89 -16.20
C HIS A 86 -1.41 -14.74 -17.42
N LEU A 87 -2.09 -14.11 -18.38
CA LEU A 87 -2.52 -14.79 -19.60
C LEU A 87 -1.32 -15.25 -20.42
N MET A 88 -0.27 -14.43 -20.44
CA MET A 88 0.94 -14.73 -21.19
C MET A 88 1.70 -15.91 -20.61
N ALA A 89 1.63 -16.07 -19.30
CA ALA A 89 2.37 -17.14 -18.64
C ALA A 89 1.55 -18.39 -18.36
N TYR A 90 0.24 -18.25 -18.22
CA TYR A 90 -0.58 -19.39 -17.89
C TYR A 90 -1.59 -19.90 -18.91
N GLY A 91 -1.85 -19.14 -19.98
CA GLY A 91 -2.79 -19.62 -20.98
C GLY A 91 -1.95 -20.31 -22.03
N ASN A 92 -2.56 -20.88 -23.07
CA ASN A 92 -1.74 -21.50 -24.13
C ASN A 92 -1.18 -20.34 -24.96
N GLU A 93 -0.31 -20.63 -25.90
CA GLU A 93 0.30 -19.57 -26.70
C GLU A 93 -0.60 -18.64 -27.51
N ARG A 94 -1.84 -19.03 -27.79
CA ARG A 94 -2.70 -18.16 -28.63
C ARG A 94 -2.58 -16.68 -28.29
N PHE A 95 -2.82 -16.35 -27.02
CA PHE A 95 -2.77 -14.98 -26.58
C PHE A 95 -1.39 -14.39 -26.81
N MET A 96 -0.37 -15.11 -26.38
CA MET A 96 0.99 -14.63 -26.55
C MET A 96 1.38 -14.45 -28.02
N GLN A 97 1.05 -15.44 -28.85
CA GLN A 97 1.39 -15.38 -30.27
C GLN A 97 0.84 -14.11 -30.93
N TYR A 98 -0.38 -13.72 -30.55
CA TYR A 98 -0.98 -12.52 -31.11
C TYR A 98 -0.18 -11.27 -30.77
N LEU A 99 0.03 -11.03 -29.48
CA LEU A 99 0.75 -9.85 -29.05
C LEU A 99 2.09 -9.74 -29.73
N ALA A 100 2.76 -10.87 -29.91
CA ALA A 100 4.07 -10.85 -30.56
C ALA A 100 4.01 -10.64 -32.08
N SER A 101 3.04 -11.27 -32.72
CA SER A 101 2.94 -11.17 -34.18
C SER A 101 2.34 -9.84 -34.56
N SER A 102 1.03 -9.72 -34.36
CA SER A 102 0.32 -8.49 -34.67
C SER A 102 0.92 -7.31 -33.90
N ASN A 103 2.11 -7.52 -33.36
CA ASN A 103 2.81 -6.50 -32.59
C ASN A 103 1.87 -5.56 -31.83
N SER A 104 1.04 -6.13 -30.95
CA SER A 104 0.10 -5.35 -30.14
C SER A 104 0.73 -5.10 -28.76
N THR A 105 1.41 -3.96 -28.64
CA THR A 105 2.11 -3.57 -27.43
C THR A 105 1.32 -2.60 -26.54
N PHE A 106 1.84 -2.33 -25.34
CA PHE A 106 1.20 -1.36 -24.46
C PHE A 106 1.91 -0.07 -24.83
N ASN A 107 1.30 1.05 -24.52
CA ASN A 107 1.86 2.36 -24.85
C ASN A 107 1.80 3.17 -23.56
N LEU A 108 2.63 2.79 -22.59
CA LEU A 108 2.60 3.43 -21.29
C LEU A 108 3.90 4.08 -20.96
N SER A 109 4.72 4.27 -21.99
CA SER A 109 6.03 4.89 -21.78
C SER A 109 5.94 6.30 -21.16
N SER A 110 4.77 6.91 -21.20
CA SER A 110 4.58 8.25 -20.62
C SER A 110 3.49 8.20 -19.53
N PHE A 111 3.07 7.01 -19.14
CA PHE A 111 2.03 6.94 -18.09
C PHE A 111 2.45 7.69 -16.85
N LEU A 112 1.51 8.41 -16.28
CA LEU A 112 1.76 9.19 -15.07
C LEU A 112 0.41 9.46 -14.42
N ASP A 113 0.28 9.10 -13.14
CA ASP A 113 -0.96 9.34 -12.41
C ASP A 113 -0.69 10.16 -11.16
N LYS A 114 -0.99 11.44 -11.25
CA LYS A 114 -0.81 12.35 -10.12
C LYS A 114 -2.18 12.68 -9.55
N GLY A 115 -3.22 12.47 -10.36
CA GLY A 115 -4.57 12.78 -9.93
C GLY A 115 -5.28 11.65 -9.20
N THR A 116 -5.13 11.62 -7.88
CA THR A 116 -5.76 10.59 -7.03
C THR A 116 -7.10 10.06 -7.58
N GLY A 120 -14.90 6.46 -6.59
CA GLY A 120 -14.25 6.94 -5.38
C GLY A 120 -14.32 5.96 -4.22
N GLY A 121 -15.21 6.23 -3.27
CA GLY A 121 -15.35 5.35 -2.12
C GLY A 121 -15.98 6.10 -0.96
N MET A 122 -15.38 5.97 0.22
CA MET A 122 -15.88 6.67 1.40
C MET A 122 -15.07 7.95 1.55
N GLY A 123 -14.49 8.38 0.43
CA GLY A 123 -13.67 9.56 0.40
C GLY A 123 -12.25 9.23 0.82
N VAL A 124 -11.88 7.95 0.75
CA VAL A 124 -10.54 7.54 1.15
C VAL A 124 -9.47 8.10 0.19
N PRO A 125 -8.50 8.84 0.73
CA PRO A 125 -7.44 9.42 -0.09
C PRO A 125 -6.47 8.34 -0.58
N GLY A 126 -5.95 8.53 -1.79
CA GLY A 126 -4.98 7.59 -2.36
C GLY A 126 -3.58 8.14 -2.13
N GLY A 127 -3.53 9.40 -1.73
CA GLY A 127 -2.25 10.03 -1.45
C GLY A 127 -1.36 10.07 -2.67
N ARG A 128 -0.08 9.81 -2.46
CA ARG A 128 0.86 9.82 -3.56
C ARG A 128 1.05 8.42 -4.17
N MET A 129 0.07 7.53 -4.00
CA MET A 129 0.17 6.16 -4.52
C MET A 129 0.32 6.13 -6.05
N GLY A 130 -0.57 6.84 -6.75
CA GLY A 130 -0.51 6.87 -8.19
C GLY A 130 0.85 7.32 -8.69
N TYR A 131 1.37 8.37 -8.06
CA TYR A 131 2.67 8.91 -8.42
C TYR A 131 3.79 7.89 -8.18
N ASP A 132 3.84 7.30 -6.99
CA ASP A 132 4.90 6.34 -6.71
C ASP A 132 4.74 5.00 -7.48
N MET A 133 3.54 4.70 -7.94
CA MET A 133 3.31 3.47 -8.68
C MET A 133 3.64 3.67 -10.17
N SER A 134 3.60 4.92 -10.63
CA SER A 134 3.82 5.19 -12.03
C SER A 134 5.07 4.62 -12.70
N PRO A 135 6.24 4.74 -12.07
CA PRO A 135 7.47 4.21 -12.65
C PRO A 135 7.35 2.68 -12.77
N PHE A 136 6.72 2.03 -11.80
CA PHE A 136 6.60 0.60 -11.87
C PHE A 136 5.65 0.17 -12.99
N ILE A 137 4.61 0.95 -13.21
CA ILE A 137 3.68 0.65 -14.27
C ILE A 137 4.46 0.75 -15.57
N ARG A 138 5.32 1.77 -15.70
CA ARG A 138 6.06 1.95 -16.92
C ARG A 138 7.05 0.81 -17.20
N ARG A 139 7.85 0.50 -16.18
CA ARG A 139 8.83 -0.57 -16.28
C ARG A 139 8.19 -1.96 -16.50
N TYR A 140 7.04 -2.20 -15.89
CA TYR A 140 6.39 -3.49 -16.00
C TYR A 140 5.82 -3.64 -17.41
N ALA A 141 5.18 -2.58 -17.93
CA ALA A 141 4.61 -2.60 -19.28
C ALA A 141 5.74 -2.83 -20.26
N LYS A 142 6.86 -2.15 -20.02
CA LYS A 142 7.99 -2.30 -20.89
C LYS A 142 8.52 -3.74 -20.88
N TYR A 143 8.52 -4.39 -19.72
CA TYR A 143 8.99 -5.77 -19.65
C TYR A 143 8.00 -6.64 -20.42
N LEU A 144 6.70 -6.40 -20.25
CA LEU A 144 5.74 -7.21 -20.98
C LEU A 144 5.88 -7.06 -22.52
N ASN A 145 6.12 -5.84 -22.98
CA ASN A 145 6.32 -5.62 -24.40
C ASN A 145 7.62 -6.33 -24.80
N GLU A 146 8.62 -6.33 -23.92
CA GLU A 146 9.88 -6.99 -24.26
C GLU A 146 9.71 -8.52 -24.34
N LYS A 147 8.77 -9.04 -23.57
CA LYS A 147 8.45 -10.46 -23.52
C LYS A 147 7.89 -10.86 -24.91
N SER A 148 7.04 -9.98 -25.47
CA SER A 148 6.43 -10.16 -26.78
C SER A 148 7.51 -10.16 -27.86
N LEU A 149 8.38 -9.16 -27.80
CA LEU A 149 9.48 -9.02 -28.74
C LEU A 149 10.36 -10.26 -28.74
N SER A 150 10.64 -10.77 -27.53
CA SER A 150 11.45 -11.96 -27.38
C SER A 150 10.77 -13.19 -28.06
N TYR A 151 9.48 -13.34 -27.86
CA TYR A 151 8.77 -14.43 -28.47
C TYR A 151 8.72 -14.26 -30.00
N ARG A 152 8.59 -13.02 -30.46
CA ARG A 152 8.53 -12.73 -31.88
C ARG A 152 9.86 -13.10 -32.51
N ALA A 153 10.97 -12.89 -31.80
CA ALA A 153 12.25 -13.24 -32.38
C ALA A 153 12.61 -14.75 -32.32
N MET A 154 12.05 -15.48 -31.36
CA MET A 154 12.34 -16.91 -31.19
C MET A 154 11.26 -17.91 -31.61
N ALA A 155 10.00 -17.48 -31.61
CA ALA A 155 8.87 -18.34 -31.95
C ALA A 155 8.49 -19.21 -30.77
N PHE A 156 9.08 -18.90 -29.61
CA PHE A 156 8.77 -19.66 -28.40
C PHE A 156 9.08 -18.83 -27.14
N ASP A 157 8.47 -19.24 -26.04
CA ASP A 157 8.58 -18.57 -24.75
C ASP A 157 9.70 -19.13 -23.89
N PHE A 158 10.77 -18.38 -23.73
CA PHE A 158 11.88 -18.82 -22.87
C PHE A 158 11.42 -19.37 -21.51
N CYS A 159 10.37 -18.78 -20.94
CA CYS A 159 9.86 -19.20 -19.64
C CYS A 159 9.13 -20.53 -19.66
N LYS A 160 9.19 -21.22 -20.80
CA LYS A 160 8.53 -22.52 -20.90
C LYS A 160 9.39 -23.60 -21.53
N VAL A 161 10.66 -23.32 -21.79
CA VAL A 161 11.52 -24.32 -22.41
C VAL A 161 11.67 -25.64 -21.66
N GLU A 167 11.17 -27.61 -25.67
CA GLU A 167 11.15 -27.26 -27.09
C GLU A 167 12.00 -26.01 -27.33
N GLY A 168 13.23 -26.23 -27.78
CA GLY A 168 14.16 -25.13 -28.00
C GLY A 168 15.09 -25.06 -26.79
N SER A 169 15.87 -26.12 -26.59
CA SER A 169 16.81 -26.19 -25.47
C SER A 169 18.09 -25.39 -25.65
N LEU A 170 18.35 -24.48 -24.71
CA LEU A 170 19.56 -23.67 -24.78
C LEU A 170 20.76 -24.56 -24.51
N ARG A 171 20.54 -25.55 -23.65
CA ARG A 171 21.61 -26.47 -23.28
C ARG A 171 22.13 -27.30 -24.45
N SER A 172 21.26 -27.74 -25.35
CA SER A 172 21.68 -28.57 -26.48
C SER A 172 21.85 -27.85 -27.80
N MET A 173 21.24 -26.67 -27.90
CA MET A 173 21.31 -25.81 -29.08
C MET A 173 22.72 -25.81 -29.68
N ASN A 174 22.85 -25.52 -30.97
CA ASN A 174 24.18 -25.49 -31.59
C ASN A 174 24.81 -24.10 -31.52
N ALA A 175 26.13 -24.05 -31.61
CA ALA A 175 26.87 -22.80 -31.53
C ALA A 175 26.24 -21.60 -32.22
N GLU A 176 26.00 -21.70 -33.51
CA GLU A 176 25.45 -20.56 -34.24
C GLU A 176 24.09 -20.12 -33.74
N LYS A 177 23.23 -21.08 -33.44
CA LYS A 177 21.88 -20.82 -32.95
C LYS A 177 21.98 -20.20 -31.56
N LEU A 178 22.93 -20.69 -30.76
CA LEU A 178 23.14 -20.20 -29.41
C LEU A 178 23.50 -18.72 -29.44
N LEU A 179 24.43 -18.37 -30.31
CA LEU A 179 24.88 -16.99 -30.41
C LEU A 179 23.84 -15.99 -30.89
N LYS A 180 22.77 -16.47 -31.51
CA LYS A 180 21.72 -15.55 -31.95
C LYS A 180 20.55 -15.59 -30.98
N THR A 181 20.64 -16.53 -30.04
CA THR A 181 19.60 -16.68 -29.05
C THR A 181 19.95 -15.97 -27.73
N LEU A 182 21.21 -16.04 -27.30
CA LEU A 182 21.61 -15.41 -26.03
C LEU A 182 21.34 -13.88 -26.01
N PRO A 183 21.59 -13.16 -27.10
CA PRO A 183 21.32 -11.72 -27.09
C PRO A 183 19.83 -11.42 -26.82
N VAL A 184 18.94 -12.25 -27.34
CA VAL A 184 17.51 -12.08 -27.14
C VAL A 184 17.09 -12.40 -25.69
N LEU A 185 17.60 -13.50 -25.15
CA LEU A 185 17.28 -13.91 -23.78
C LEU A 185 17.80 -12.82 -22.83
N GLN A 186 19.01 -12.35 -23.10
CA GLN A 186 19.64 -11.32 -22.29
C GLN A 186 18.84 -9.99 -22.30
N ALA A 187 18.27 -9.62 -23.45
CA ALA A 187 17.52 -8.40 -23.52
C ALA A 187 16.23 -8.57 -22.70
N GLN A 188 15.61 -9.74 -22.78
CA GLN A 188 14.40 -9.94 -22.03
C GLN A 188 14.71 -9.89 -20.53
N LEU A 189 15.81 -10.51 -20.12
CA LEU A 189 16.15 -10.50 -18.72
C LEU A 189 16.49 -9.07 -18.25
N ASP A 190 17.16 -8.30 -19.10
CA ASP A 190 17.52 -6.92 -18.78
C ASP A 190 16.28 -6.09 -18.55
N ALA A 191 15.28 -6.25 -19.42
CA ALA A 191 14.04 -5.51 -19.26
C ALA A 191 13.36 -5.87 -17.93
N LEU A 192 13.43 -7.15 -17.54
CA LEU A 192 12.82 -7.56 -16.28
C LEU A 192 13.55 -6.92 -15.07
N LEU A 193 14.86 -6.92 -15.11
CA LEU A 193 15.64 -6.35 -14.02
C LEU A 193 15.52 -4.82 -13.92
N GLU A 194 15.10 -4.16 -14.99
CA GLU A 194 14.91 -2.72 -14.94
C GLU A 194 13.77 -2.39 -13.96
N PHE A 195 12.97 -3.39 -13.58
CA PHE A 195 11.86 -3.13 -12.64
C PHE A 195 12.45 -2.38 -11.43
N ASP A 196 13.58 -2.91 -10.97
CA ASP A 196 14.38 -2.35 -9.91
C ASP A 196 13.63 -1.72 -8.75
N CYS A 197 13.01 -2.54 -7.91
CA CYS A 197 12.25 -2.01 -6.79
C CYS A 197 12.97 -2.31 -5.49
N GLN A 198 12.62 -1.54 -4.46
CA GLN A 198 13.21 -1.75 -3.15
C GLN A 198 12.07 -2.35 -2.36
N SER A 199 12.41 -2.99 -1.24
CA SER A 199 11.42 -3.59 -0.39
C SER A 199 10.34 -2.59 0.02
N ASN A 200 10.73 -1.35 0.29
CA ASN A 200 9.73 -0.37 0.72
C ASN A 200 8.76 0.00 -0.39
N ASP A 201 9.13 -0.30 -1.64
CA ASP A 201 8.25 -0.03 -2.77
C ASP A 201 7.09 -1.03 -2.86
N LEU A 202 7.33 -2.25 -2.37
CA LEU A 202 6.32 -3.31 -2.44
C LEU A 202 5.34 -3.17 -1.30
N SER A 203 4.46 -2.19 -1.46
CA SER A 203 3.56 -1.83 -0.37
C SER A 203 2.07 -1.95 -0.55
N ASN A 204 1.62 -2.62 -1.59
CA ASN A 204 0.19 -2.84 -1.73
C ASN A 204 0.04 -4.15 -2.49
N GLY A 205 -1.18 -4.71 -2.46
CA GLY A 205 -1.47 -5.96 -3.12
C GLY A 205 -1.28 -5.97 -4.63
N VAL A 206 -1.36 -4.82 -5.28
CA VAL A 206 -1.19 -4.80 -6.72
C VAL A 206 0.26 -4.97 -7.13
N ILE A 207 1.13 -4.08 -6.67
CA ILE A 207 2.54 -4.18 -7.02
C ILE A 207 3.12 -5.49 -6.51
N ASN A 208 2.64 -5.97 -5.36
CA ASN A 208 3.12 -7.26 -4.82
C ASN A 208 2.88 -8.40 -5.78
N MET A 209 1.67 -8.49 -6.32
CA MET A 209 1.34 -9.53 -7.28
C MET A 209 2.24 -9.44 -8.52
N SER A 210 2.46 -8.22 -9.03
CA SER A 210 3.29 -8.09 -10.22
C SER A 210 4.70 -8.56 -9.94
N PHE A 211 5.21 -8.25 -8.75
CA PHE A 211 6.55 -8.65 -8.38
C PHE A 211 6.66 -10.18 -8.28
N MET A 212 5.60 -10.82 -7.83
CA MET A 212 5.54 -12.27 -7.73
C MET A 212 5.60 -12.84 -9.16
N LEU A 213 4.83 -12.27 -10.07
CA LEU A 213 4.86 -12.76 -11.47
C LEU A 213 6.23 -12.49 -12.10
N LEU A 214 6.88 -11.37 -11.74
CA LEU A 214 8.22 -11.07 -12.29
C LEU A 214 9.23 -12.07 -11.75
N PHE A 215 9.10 -12.38 -10.47
CA PHE A 215 9.98 -13.35 -9.81
C PHE A 215 9.86 -14.73 -10.51
N ARG A 216 8.64 -15.20 -10.76
CA ARG A 216 8.47 -16.48 -11.44
C ARG A 216 9.11 -16.49 -12.84
N ASP A 217 9.00 -15.39 -13.59
CA ASP A 217 9.64 -15.32 -14.92
C ASP A 217 11.15 -15.30 -14.74
N LEU A 218 11.63 -14.52 -13.77
CA LEU A 218 13.06 -14.44 -13.56
C LEU A 218 13.73 -15.78 -13.28
N ILE A 219 13.09 -16.59 -12.44
CA ILE A 219 13.63 -17.91 -12.10
C ILE A 219 13.81 -18.74 -13.38
N ARG A 220 12.77 -18.80 -14.20
CA ARG A 220 12.79 -19.53 -15.45
C ARG A 220 13.81 -18.93 -16.40
N LEU A 221 13.85 -17.60 -16.48
CA LEU A 221 14.81 -16.95 -17.37
C LEU A 221 16.21 -17.22 -16.90
N PHE A 222 16.37 -17.15 -15.59
CA PHE A 222 17.69 -17.37 -15.02
C PHE A 222 18.20 -18.77 -15.39
N ALA A 223 17.35 -19.77 -15.26
CA ALA A 223 17.69 -21.16 -15.60
C ALA A 223 18.09 -21.33 -17.07
N CYS A 224 17.35 -20.69 -17.97
CA CYS A 224 17.66 -20.75 -19.41
C CYS A 224 18.97 -20.09 -19.71
N TYR A 225 19.20 -18.97 -19.05
CA TYR A 225 20.40 -18.21 -19.27
C TYR A 225 21.59 -19.07 -18.86
N ASN A 226 21.52 -19.63 -17.66
CA ASN A 226 22.60 -20.48 -17.20
C ASN A 226 22.88 -21.65 -18.13
N ASP A 227 21.82 -22.32 -18.60
CA ASP A 227 21.97 -23.43 -19.53
C ASP A 227 22.65 -22.94 -20.80
N GLY A 228 22.19 -21.80 -21.32
CA GLY A 228 22.77 -21.26 -22.52
C GLY A 228 24.23 -20.97 -22.37
N ILE A 229 24.64 -20.45 -21.21
CA ILE A 229 26.05 -20.12 -20.94
C ILE A 229 26.93 -21.36 -20.76
N ILE A 230 26.42 -22.38 -20.08
CA ILE A 230 27.17 -23.63 -19.89
C ILE A 230 27.46 -24.17 -21.29
N ASN A 231 26.45 -24.12 -22.15
CA ASN A 231 26.57 -24.60 -23.53
C ASN A 231 27.58 -23.77 -24.29
N LEU A 232 27.54 -22.46 -24.08
CA LEU A 232 28.45 -21.54 -24.74
C LEU A 232 29.88 -21.90 -24.38
N LEU A 233 30.09 -22.21 -23.11
CA LEU A 233 31.42 -22.54 -22.64
C LEU A 233 31.91 -23.90 -23.17
N GLU A 234 30.98 -24.83 -23.35
CA GLU A 234 31.29 -26.15 -23.87
C GLU A 234 31.77 -26.05 -25.32
N LYS A 235 31.14 -25.18 -26.11
CA LYS A 235 31.51 -25.02 -27.51
C LYS A 235 32.56 -23.93 -27.75
N TYR A 236 32.74 -23.06 -26.77
CA TYR A 236 33.69 -21.97 -26.88
C TYR A 236 35.06 -22.32 -27.50
N PHE A 237 35.72 -23.32 -26.93
CA PHE A 237 37.05 -23.68 -27.41
C PHE A 237 37.12 -24.23 -28.84
N ASP A 238 35.99 -24.61 -29.41
CA ASP A 238 35.94 -25.13 -30.79
C ASP A 238 35.47 -24.05 -31.78
N MET A 239 35.15 -22.87 -31.26
CA MET A 239 34.68 -21.77 -32.09
C MET A 239 35.79 -21.14 -32.90
N ASN A 240 35.41 -20.49 -33.98
CA ASN A 240 36.39 -19.84 -34.84
C ASN A 240 37.01 -18.64 -34.14
N LYS A 241 37.14 -17.54 -34.87
CA LYS A 241 37.75 -16.33 -34.34
C LYS A 241 36.72 -15.28 -33.93
N LYS A 242 35.83 -14.93 -34.86
CA LYS A 242 34.81 -13.92 -34.58
C LYS A 242 33.82 -14.43 -33.52
N HIS A 243 33.37 -15.67 -33.70
CA HIS A 243 32.43 -16.29 -32.77
C HIS A 243 33.02 -16.40 -31.38
N ALA A 244 34.33 -16.61 -31.31
CA ALA A 244 35.02 -16.70 -30.03
C ALA A 244 34.90 -15.37 -29.31
N ARG A 245 35.10 -14.28 -30.05
CA ARG A 245 35.02 -12.95 -29.46
C ARG A 245 33.58 -12.63 -29.03
N ASP A 246 32.60 -12.98 -29.87
CA ASP A 246 31.19 -12.77 -29.56
C ASP A 246 30.83 -13.46 -28.25
N ALA A 247 31.20 -14.74 -28.15
CA ALA A 247 30.93 -15.54 -26.98
C ALA A 247 31.56 -14.98 -25.71
N LEU A 248 32.80 -14.52 -25.82
CA LEU A 248 33.50 -13.98 -24.65
C LEU A 248 32.78 -12.75 -24.10
N ASP A 249 32.28 -11.92 -25.00
CA ASP A 249 31.56 -10.72 -24.61
C ASP A 249 30.28 -11.12 -23.92
N LEU A 250 29.54 -12.04 -24.55
CA LEU A 250 28.28 -12.51 -23.99
C LEU A 250 28.50 -13.09 -22.61
N TYR A 251 29.63 -13.77 -22.44
CA TYR A 251 29.96 -14.39 -21.17
C TYR A 251 30.21 -13.31 -20.11
N LYS A 252 30.93 -12.27 -20.50
CA LYS A 252 31.20 -11.20 -19.54
C LYS A 252 29.90 -10.49 -19.16
N LYS A 253 29.02 -10.29 -20.11
CA LYS A 253 27.74 -9.64 -19.85
C LYS A 253 26.94 -10.50 -18.88
N PHE A 254 27.06 -11.82 -19.05
CA PHE A 254 26.35 -12.76 -18.19
C PHE A 254 26.81 -12.60 -16.73
N LEU A 255 28.12 -12.39 -16.54
CA LEU A 255 28.66 -12.23 -15.20
C LEU A 255 28.09 -10.96 -14.55
N VAL A 256 28.02 -9.88 -15.31
CA VAL A 256 27.46 -8.66 -14.76
C VAL A 256 26.01 -8.96 -14.38
N ARG A 257 25.27 -9.64 -15.26
CA ARG A 257 23.89 -9.91 -14.91
C ARG A 257 23.58 -10.87 -13.77
N MET A 258 24.52 -11.74 -13.43
CA MET A 258 24.23 -12.64 -12.31
C MET A 258 24.31 -11.83 -11.01
N ASP A 259 25.13 -10.79 -10.97
CA ASP A 259 25.16 -9.94 -9.76
C ASP A 259 23.79 -9.28 -9.65
N ARG A 260 23.32 -8.70 -10.74
CA ARG A 260 22.00 -8.07 -10.74
C ARG A 260 20.92 -9.06 -10.31
N VAL A 261 20.96 -10.31 -10.79
CA VAL A 261 19.95 -11.30 -10.37
C VAL A 261 20.10 -11.59 -8.88
N GLY A 262 21.33 -11.55 -8.40
CA GLY A 262 21.60 -11.78 -6.99
C GLY A 262 20.91 -10.73 -6.14
N GLU A 263 21.00 -9.49 -6.58
CA GLU A 263 20.37 -8.38 -5.87
C GLU A 263 18.87 -8.54 -5.93
N PHE A 264 18.33 -8.89 -7.11
CA PHE A 264 16.88 -9.08 -7.23
C PHE A 264 16.42 -10.16 -6.26
N LEU A 265 17.15 -11.26 -6.21
CA LEU A 265 16.76 -12.38 -5.31
C LEU A 265 16.83 -11.97 -3.86
N LYS A 266 17.80 -11.13 -3.52
CA LYS A 266 17.94 -10.63 -2.16
C LYS A 266 16.63 -9.93 -1.81
N VAL A 267 16.20 -8.98 -2.64
CA VAL A 267 14.95 -8.28 -2.39
C VAL A 267 13.80 -9.27 -2.35
N ALA A 268 13.85 -10.29 -3.18
CA ALA A 268 12.78 -11.29 -3.18
C ALA A 268 12.77 -11.99 -1.82
N GLU A 269 13.96 -12.24 -1.28
CA GLU A 269 14.02 -12.93 0.01
C GLU A 269 13.43 -12.07 1.14
N ASN A 270 13.80 -10.79 1.18
CA ASN A 270 13.30 -9.88 2.20
C ASN A 270 11.80 -9.62 2.17
N VAL A 271 11.17 -9.68 1.00
CA VAL A 271 9.74 -9.42 0.95
C VAL A 271 8.83 -10.62 1.21
N GLY A 272 9.39 -11.72 1.67
CA GLY A 272 8.56 -12.88 2.00
C GLY A 272 8.38 -14.01 0.99
N ILE A 273 9.28 -14.14 0.03
CA ILE A 273 9.16 -15.22 -0.93
C ILE A 273 9.93 -16.41 -0.37
N ASP A 274 9.34 -17.60 -0.47
CA ASP A 274 9.95 -18.83 0.05
C ASP A 274 11.39 -19.03 -0.37
N LYS A 275 12.30 -19.13 0.60
CA LYS A 275 13.71 -19.32 0.31
C LYS A 275 13.93 -20.65 -0.43
N GLY A 276 12.91 -21.50 -0.40
CA GLY A 276 13.01 -22.77 -1.08
C GLY A 276 12.84 -22.60 -2.58
N ASP A 277 12.28 -21.47 -2.98
CA ASP A 277 12.05 -21.17 -4.38
C ASP A 277 13.11 -20.20 -4.88
N ILE A 278 14.06 -19.87 -4.02
CA ILE A 278 15.14 -18.95 -4.37
C ILE A 278 16.38 -19.76 -4.74
N PRO A 279 16.83 -19.66 -6.00
CA PRO A 279 18.01 -20.41 -6.43
C PRO A 279 19.28 -19.98 -5.71
N ASP A 280 20.12 -20.94 -5.36
CA ASP A 280 21.36 -20.63 -4.67
C ASP A 280 22.51 -20.35 -5.62
N LEU A 281 22.71 -19.07 -5.95
CA LEU A 281 23.79 -18.69 -6.86
C LEU A 281 25.17 -18.85 -6.24
N THR A 282 26.17 -18.96 -7.10
CA THR A 282 27.53 -19.10 -6.63
C THR A 282 28.41 -18.22 -7.49
N LYS A 283 29.31 -17.47 -6.86
CA LYS A 283 30.22 -16.62 -7.61
C LYS A 283 30.95 -17.44 -8.65
N ALA A 284 31.11 -16.90 -9.85
CA ALA A 284 31.80 -17.63 -10.90
C ALA A 284 33.31 -17.53 -10.71
N PRO A 285 34.03 -18.60 -11.10
CA PRO A 285 35.49 -18.72 -11.01
C PRO A 285 36.24 -17.83 -12.03
N SER A 286 37.18 -17.03 -11.54
CA SER A 286 37.95 -16.12 -12.39
C SER A 286 38.99 -16.87 -13.22
N SER A 287 39.47 -17.99 -12.69
CA SER A 287 40.46 -18.79 -13.40
C SER A 287 39.86 -19.17 -14.76
N LEU A 288 38.55 -19.39 -14.76
CA LEU A 288 37.83 -19.76 -15.97
C LEU A 288 37.82 -18.60 -16.96
N LEU A 289 37.52 -17.41 -16.47
CA LEU A 289 37.50 -16.23 -17.33
C LEU A 289 38.92 -16.03 -17.86
N ASP A 290 39.90 -16.29 -17.00
CA ASP A 290 41.30 -16.16 -17.40
C ASP A 290 41.57 -17.10 -18.58
N ALA A 291 41.07 -18.32 -18.49
CA ALA A 291 41.27 -19.29 -19.55
C ALA A 291 40.65 -18.86 -20.87
N LEU A 292 39.41 -18.36 -20.82
CA LEU A 292 38.73 -17.93 -22.04
C LEU A 292 39.51 -16.85 -22.76
N GLU A 293 40.09 -15.91 -22.01
CA GLU A 293 40.85 -14.83 -22.62
C GLU A 293 42.16 -15.32 -23.23
N GLN A 294 42.89 -16.17 -22.51
CA GLN A 294 44.14 -16.70 -23.04
C GLN A 294 43.86 -17.44 -24.35
N HIS A 295 42.85 -18.32 -24.32
CA HIS A 295 42.50 -19.05 -25.54
C HIS A 295 42.15 -18.12 -26.70
N LEU A 296 41.47 -17.02 -26.39
CA LEU A 296 41.09 -16.08 -27.44
C LEU A 296 42.32 -15.50 -28.13
N ALA A 297 43.30 -15.07 -27.36
CA ALA A 297 44.53 -14.49 -27.92
C ALA A 297 45.25 -15.47 -28.86
N THR A 298 45.55 -16.67 -28.36
CA THR A 298 46.25 -17.67 -29.16
C THR A 298 45.52 -17.92 -30.46
N LEU A 299 44.29 -17.41 -30.58
CA LEU A 299 43.53 -17.59 -31.81
C LEU A 299 43.79 -16.43 -32.76
N GLN B 22 -28.49 -11.66 16.71
CA GLN B 22 -27.06 -11.55 16.43
C GLN B 22 -26.81 -11.30 14.94
N GLY B 23 -25.92 -12.08 14.34
CA GLY B 23 -25.56 -11.91 12.94
C GLY B 23 -24.35 -11.00 12.92
N LEU B 24 -23.83 -10.77 14.11
CA LEU B 24 -22.69 -9.90 14.33
C LEU B 24 -21.36 -10.58 14.07
N ALA B 25 -21.22 -11.80 14.57
CA ALA B 25 -19.98 -12.56 14.39
C ALA B 25 -19.55 -12.52 12.92
N LYS B 26 -20.53 -12.69 12.02
CA LYS B 26 -20.27 -12.69 10.60
C LYS B 26 -19.97 -11.31 10.05
N SER B 27 -20.82 -10.35 10.40
CA SER B 27 -20.61 -8.98 9.95
C SER B 27 -19.26 -8.45 10.42
N VAL B 28 -18.90 -8.75 11.66
CA VAL B 28 -17.63 -8.33 12.20
C VAL B 28 -16.51 -8.95 11.37
N CYS B 29 -16.68 -10.20 10.97
CA CYS B 29 -15.66 -10.87 10.15
C CYS B 29 -15.57 -10.26 8.75
N LYS B 30 -16.72 -9.87 8.20
CA LYS B 30 -16.76 -9.26 6.88
C LYS B 30 -16.00 -7.94 6.88
N ALA B 31 -16.17 -7.19 7.97
CA ALA B 31 -15.52 -5.90 8.12
C ALA B 31 -14.04 -6.03 8.42
N THR B 32 -13.65 -7.17 8.97
CA THR B 32 -12.26 -7.43 9.34
C THR B 32 -11.56 -8.58 8.57
N THR B 33 -11.88 -8.74 7.29
CA THR B 33 -11.24 -9.80 6.51
C THR B 33 -9.77 -9.51 6.33
N GLU B 34 -9.00 -10.52 5.91
CA GLU B 34 -7.56 -10.37 5.71
C GLU B 34 -7.20 -9.64 4.42
N GLU B 35 -8.18 -9.39 3.56
CA GLU B 35 -7.92 -8.67 2.32
C GLU B 35 -7.39 -7.29 2.67
N CYS B 36 -6.32 -6.87 2.01
CA CYS B 36 -5.73 -5.58 2.34
C CYS B 36 -6.34 -4.28 1.81
N ILE B 37 -7.59 -4.04 2.18
CA ILE B 37 -8.30 -2.81 1.83
C ILE B 37 -9.14 -2.52 3.07
N GLY B 38 -9.53 -1.27 3.27
CA GLY B 38 -10.32 -0.94 4.45
C GLY B 38 -11.66 -1.64 4.46
N PRO B 39 -12.35 -1.70 5.61
CA PRO B 39 -13.66 -2.36 5.65
C PRO B 39 -14.56 -1.73 4.60
N LYS B 40 -15.40 -2.54 3.95
CA LYS B 40 -16.30 -2.02 2.93
C LYS B 40 -17.50 -1.33 3.55
N LYS B 41 -18.03 -0.34 2.85
CA LYS B 41 -19.17 0.41 3.37
C LYS B 41 -20.40 -0.40 3.76
N LYS B 42 -20.76 -1.40 2.95
CA LYS B 42 -21.94 -2.19 3.26
C LYS B 42 -21.85 -2.88 4.64
N HIS B 43 -20.65 -3.23 5.06
CA HIS B 43 -20.48 -3.90 6.35
C HIS B 43 -20.44 -2.90 7.51
N LEU B 44 -19.76 -1.77 7.32
CA LEU B 44 -19.73 -0.79 8.39
C LEU B 44 -21.15 -0.29 8.60
N ASP B 45 -21.88 -0.08 7.48
CA ASP B 45 -23.27 0.39 7.54
C ASP B 45 -24.14 -0.55 8.38
N TYR B 46 -24.05 -1.84 8.12
CA TYR B 46 -24.84 -2.81 8.86
C TYR B 46 -24.43 -2.83 10.34
N LEU B 47 -23.13 -2.88 10.60
CA LEU B 47 -22.63 -2.89 11.96
C LEU B 47 -23.18 -1.68 12.72
N VAL B 48 -23.40 -0.57 11.99
CA VAL B 48 -23.95 0.64 12.60
C VAL B 48 -25.42 0.47 12.97
N HIS B 49 -26.19 -0.08 12.03
CA HIS B 49 -27.61 -0.32 12.25
C HIS B 49 -27.79 -1.18 13.50
N CYS B 50 -26.93 -2.20 13.62
CA CYS B 50 -26.98 -3.11 14.74
C CYS B 50 -26.66 -2.44 16.06
N ALA B 51 -25.60 -1.64 16.07
CA ALA B 51 -25.19 -0.95 17.28
C ALA B 51 -26.26 0.00 17.81
N ASN B 52 -27.09 0.54 16.93
CA ASN B 52 -28.14 1.46 17.36
C ASN B 52 -29.43 0.75 17.78
N GLU B 53 -29.46 -0.56 17.63
CA GLU B 53 -30.64 -1.35 17.98
C GLU B 53 -30.76 -1.77 19.45
N PRO B 54 -31.81 -1.26 20.13
CA PRO B 54 -32.10 -1.54 21.55
C PRO B 54 -31.90 -2.98 22.03
N ASN B 55 -32.06 -3.97 21.15
CA ASN B 55 -31.88 -5.35 21.61
C ASN B 55 -30.58 -6.03 21.21
N VAL B 56 -29.68 -5.29 20.57
CA VAL B 56 -28.40 -5.86 20.20
C VAL B 56 -27.49 -5.68 21.40
N SER B 57 -26.75 -6.72 21.75
CA SER B 57 -25.86 -6.66 22.90
C SER B 57 -24.54 -5.95 22.57
N ILE B 58 -24.41 -4.71 23.01
CA ILE B 58 -23.19 -3.98 22.75
C ILE B 58 -22.00 -4.71 23.36
N PRO B 59 -22.17 -5.28 24.56
CA PRO B 59 -21.00 -5.98 25.14
C PRO B 59 -20.56 -7.09 24.19
N HIS B 60 -21.54 -7.70 23.55
CA HIS B 60 -21.31 -8.76 22.59
C HIS B 60 -20.51 -8.19 21.42
N LEU B 61 -21.05 -7.15 20.79
CA LEU B 61 -20.38 -6.51 19.66
C LEU B 61 -18.97 -6.11 20.06
N ALA B 62 -18.84 -5.41 21.17
CA ALA B 62 -17.54 -4.95 21.66
C ALA B 62 -16.51 -6.08 21.73
N ASN B 63 -16.90 -7.20 22.34
CA ASN B 63 -16.00 -8.33 22.49
C ASN B 63 -15.55 -8.96 21.17
N LEU B 64 -16.47 -9.06 20.21
CA LEU B 64 -16.11 -9.62 18.92
C LEU B 64 -14.99 -8.79 18.31
N LEU B 65 -15.17 -7.47 18.31
CA LEU B 65 -14.17 -6.57 17.77
C LEU B 65 -12.87 -6.67 18.54
N ILE B 66 -12.94 -6.74 19.87
CA ILE B 66 -11.72 -6.85 20.65
C ILE B 66 -10.97 -8.12 20.28
N GLU B 67 -11.73 -9.19 20.12
CA GLU B 67 -11.17 -10.48 19.77
C GLU B 67 -10.45 -10.39 18.42
N ARG B 68 -11.05 -9.71 17.45
CA ARG B 68 -10.38 -9.58 16.16
C ARG B 68 -9.11 -8.78 16.31
N SER B 69 -9.11 -7.81 17.23
CA SER B 69 -7.91 -6.99 17.43
C SER B 69 -6.75 -7.76 18.07
N GLN B 70 -7.02 -8.99 18.50
CA GLN B 70 -5.98 -9.81 19.11
C GLN B 70 -5.33 -10.74 18.07
N ASN B 71 -5.81 -10.64 16.83
CA ASN B 71 -5.29 -11.43 15.71
C ASN B 71 -3.81 -11.12 15.49
N ALA B 72 -3.06 -12.08 14.95
CA ALA B 72 -1.64 -11.83 14.71
C ALA B 72 -1.41 -11.07 13.39
N ASN B 73 -2.43 -11.09 12.53
CA ASN B 73 -2.40 -10.45 11.21
C ASN B 73 -2.67 -8.95 11.30
N TRP B 74 -1.67 -8.11 10.97
CA TRP B 74 -1.84 -6.67 11.07
C TRP B 74 -3.06 -6.12 10.34
N VAL B 75 -3.38 -6.69 9.18
CA VAL B 75 -4.52 -6.24 8.40
C VAL B 75 -5.83 -6.38 9.19
N VAL B 76 -6.04 -7.58 9.74
CA VAL B 76 -7.22 -7.89 10.52
C VAL B 76 -7.31 -6.96 11.75
N VAL B 77 -6.19 -6.78 12.44
CA VAL B 77 -6.14 -5.92 13.62
C VAL B 77 -6.45 -4.45 13.27
N TYR B 78 -5.78 -3.90 12.27
CA TYR B 78 -6.01 -2.52 11.89
C TYR B 78 -7.48 -2.35 11.52
N LYS B 79 -8.00 -3.27 10.73
CA LYS B 79 -9.40 -3.15 10.33
C LYS B 79 -10.39 -3.26 11.50
N SER B 80 -10.03 -3.97 12.56
CA SER B 80 -10.95 -4.06 13.70
C SER B 80 -10.89 -2.70 14.41
N LEU B 81 -9.73 -2.06 14.41
CA LEU B 81 -9.58 -0.74 15.02
C LEU B 81 -10.42 0.25 14.18
N ILE B 82 -10.32 0.14 12.85
CA ILE B 82 -11.06 1.05 11.97
C ILE B 82 -12.54 0.91 12.14
N THR B 83 -13.02 -0.33 12.25
CA THR B 83 -14.43 -0.62 12.40
C THR B 83 -14.97 -0.05 13.73
N THR B 84 -14.22 -0.25 14.81
CA THR B 84 -14.59 0.26 16.13
C THR B 84 -14.73 1.79 16.05
N HIS B 85 -13.72 2.43 15.47
CA HIS B 85 -13.66 3.89 15.32
C HIS B 85 -14.89 4.33 14.54
N HIS B 86 -15.21 3.58 13.48
CA HIS B 86 -16.37 3.91 12.67
C HIS B 86 -17.61 3.89 13.54
N LEU B 87 -17.73 2.87 14.38
CA LEU B 87 -18.88 2.74 15.27
C LEU B 87 -18.92 3.86 16.30
N MET B 88 -17.75 4.19 16.87
CA MET B 88 -17.65 5.26 17.86
C MET B 88 -18.13 6.59 17.28
N ALA B 89 -17.74 6.89 16.04
CA ALA B 89 -18.11 8.16 15.41
C ALA B 89 -19.43 8.19 14.64
N TYR B 90 -19.87 7.06 14.11
CA TYR B 90 -21.10 7.05 13.34
C TYR B 90 -22.34 6.38 13.93
N GLY B 91 -22.16 5.41 14.82
CA GLY B 91 -23.35 4.80 15.41
C GLY B 91 -23.84 5.74 16.50
N ASN B 92 -24.99 5.48 17.13
CA ASN B 92 -25.40 6.38 18.20
C ASN B 92 -24.45 6.11 19.37
N GLU B 93 -24.65 6.72 20.51
CA GLU B 93 -23.69 6.50 21.58
C GLU B 93 -23.77 5.23 22.42
N ARG B 94 -24.67 4.31 22.08
CA ARG B 94 -24.76 3.08 22.86
C ARG B 94 -23.41 2.38 22.90
N PHE B 95 -22.84 2.15 21.72
CA PHE B 95 -21.56 1.48 21.62
C PHE B 95 -20.45 2.18 22.40
N MET B 96 -20.28 3.48 22.18
CA MET B 96 -19.25 4.23 22.88
C MET B 96 -19.48 4.28 24.38
N GLN B 97 -20.74 4.40 24.78
CA GLN B 97 -21.01 4.45 26.21
C GLN B 97 -20.49 3.19 26.90
N TYR B 98 -20.67 2.05 26.25
CA TYR B 98 -20.18 0.82 26.84
C TYR B 98 -18.66 0.83 26.96
N LEU B 99 -17.97 1.20 25.88
CA LEU B 99 -16.51 1.21 25.93
C LEU B 99 -15.99 2.11 27.03
N ALA B 100 -16.50 3.33 27.11
CA ALA B 100 -16.05 4.27 28.14
C ALA B 100 -16.34 3.85 29.60
N SER B 101 -17.58 3.47 29.86
CA SER B 101 -17.99 3.09 31.22
C SER B 101 -17.33 1.83 31.72
N SER B 102 -17.24 0.84 30.84
CA SER B 102 -16.63 -0.43 31.18
C SER B 102 -15.12 -0.31 31.21
N ASN B 103 -14.61 0.85 30.81
CA ASN B 103 -13.15 1.06 30.79
C ASN B 103 -12.45 -0.02 29.94
N SER B 104 -13.17 -0.57 28.98
CA SER B 104 -12.59 -1.59 28.09
C SER B 104 -11.67 -0.85 27.10
N THR B 105 -10.45 -1.38 26.93
CA THR B 105 -9.46 -0.77 26.06
C THR B 105 -8.77 -1.82 25.19
N PHE B 106 -8.00 -1.36 24.19
CA PHE B 106 -7.23 -2.25 23.33
C PHE B 106 -5.90 -2.47 24.04
N ASN B 107 -5.28 -3.63 23.84
CA ASN B 107 -4.00 -3.94 24.48
C ASN B 107 -3.00 -4.26 23.37
N LEU B 108 -2.66 -3.24 22.60
CA LEU B 108 -1.77 -3.40 21.47
C LEU B 108 -0.48 -2.61 21.54
N SER B 109 -0.10 -2.19 22.75
CA SER B 109 1.11 -1.39 22.90
C SER B 109 2.42 -2.08 22.59
N SER B 110 2.41 -3.39 22.49
CA SER B 110 3.65 -4.11 22.14
C SER B 110 3.41 -4.89 20.85
N PHE B 111 2.36 -4.52 20.12
CA PHE B 111 2.03 -5.17 18.87
C PHE B 111 3.15 -5.03 17.84
N LEU B 112 3.32 -6.07 17.03
CA LEU B 112 4.33 -6.13 15.98
C LEU B 112 4.04 -7.37 15.15
N ASP B 113 4.05 -7.20 13.83
CA ASP B 113 3.79 -8.31 12.91
C ASP B 113 4.93 -8.40 11.90
N LYS B 114 5.46 -9.61 11.72
CA LYS B 114 6.56 -9.83 10.78
C LYS B 114 6.29 -11.09 9.93
N GLY B 115 5.39 -11.94 10.41
CA GLY B 115 5.08 -13.16 9.70
C GLY B 115 4.23 -12.97 8.46
N THR B 116 4.88 -12.88 7.30
CA THR B 116 4.20 -12.70 6.02
C THR B 116 3.14 -13.78 5.79
N MET B 122 -3.32 -16.24 -3.48
CA MET B 122 -2.45 -16.58 -4.61
C MET B 122 -1.00 -16.70 -4.18
N GLY B 123 -0.72 -16.38 -2.91
CA GLY B 123 0.63 -16.45 -2.40
C GLY B 123 1.40 -15.17 -2.63
N VAL B 124 0.68 -14.05 -2.68
CA VAL B 124 1.29 -12.75 -2.90
C VAL B 124 2.14 -12.31 -1.69
N PRO B 125 3.38 -11.85 -1.94
CA PRO B 125 4.28 -11.39 -0.87
C PRO B 125 3.68 -10.19 -0.12
N GLY B 126 3.98 -10.07 1.17
CA GLY B 126 3.47 -8.96 1.96
C GLY B 126 4.53 -7.90 2.19
N GLY B 127 5.78 -8.27 1.91
CA GLY B 127 6.90 -7.37 2.08
C GLY B 127 7.09 -7.03 3.54
N ARG B 128 7.47 -5.78 3.79
CA ARG B 128 7.69 -5.31 5.16
C ARG B 128 6.50 -4.45 5.63
N MET B 129 5.33 -4.67 5.02
CA MET B 129 4.12 -3.92 5.36
C MET B 129 3.77 -4.13 6.85
N GLY B 130 3.94 -5.34 7.34
CA GLY B 130 3.63 -5.65 8.73
C GLY B 130 4.42 -4.81 9.69
N TYR B 131 5.71 -4.76 9.45
CA TYR B 131 6.65 -3.99 10.24
C TYR B 131 6.39 -2.47 10.18
N ASP B 132 6.12 -1.96 8.97
CA ASP B 132 5.88 -0.54 8.78
C ASP B 132 4.54 -0.03 9.33
N MET B 133 3.58 -0.94 9.40
CA MET B 133 2.23 -0.67 9.83
C MET B 133 2.03 -0.80 11.37
N SER B 134 2.86 -1.62 12.01
CA SER B 134 2.75 -1.86 13.45
C SER B 134 2.74 -0.59 14.31
N PRO B 135 3.64 0.35 14.08
CA PRO B 135 3.63 1.58 14.90
C PRO B 135 2.34 2.42 14.76
N PHE B 136 1.73 2.38 13.57
CA PHE B 136 0.50 3.13 13.36
C PHE B 136 -0.62 2.39 14.07
N ILE B 137 -0.55 1.06 14.04
CA ILE B 137 -1.56 0.29 14.74
C ILE B 137 -1.53 0.63 16.24
N ARG B 138 -0.34 0.69 16.82
CA ARG B 138 -0.22 1.00 18.24
C ARG B 138 -0.69 2.42 18.56
N ARG B 139 -0.31 3.37 17.71
CA ARG B 139 -0.71 4.76 17.92
C ARG B 139 -2.20 4.95 17.76
N TYR B 140 -2.77 4.30 16.75
CA TYR B 140 -4.19 4.44 16.51
C TYR B 140 -5.02 3.80 17.64
N ALA B 141 -4.58 2.64 18.11
CA ALA B 141 -5.28 1.96 19.21
C ALA B 141 -5.23 2.84 20.46
N LYS B 142 -4.08 3.43 20.69
CA LYS B 142 -3.86 4.30 21.81
C LYS B 142 -4.83 5.50 21.71
N TYR B 143 -5.05 5.99 20.48
CA TYR B 143 -5.95 7.12 20.30
C TYR B 143 -7.38 6.67 20.58
N LEU B 144 -7.74 5.46 20.18
CA LEU B 144 -9.11 5.04 20.44
C LEU B 144 -9.35 4.87 21.95
N ASN B 145 -8.35 4.34 22.66
CA ASN B 145 -8.47 4.18 24.09
C ASN B 145 -8.61 5.58 24.72
N GLU B 146 -7.87 6.56 24.21
CA GLU B 146 -7.95 7.91 24.77
C GLU B 146 -9.33 8.53 24.52
N LYS B 147 -9.94 8.19 23.38
CA LYS B 147 -11.25 8.66 22.99
C LYS B 147 -12.28 8.15 24.01
N SER B 148 -12.24 6.86 24.34
CA SER B 148 -13.16 6.28 25.33
C SER B 148 -12.90 6.91 26.72
N LEU B 149 -11.62 7.10 27.05
CA LEU B 149 -11.28 7.70 28.33
C LEU B 149 -11.83 9.13 28.38
N SER B 150 -11.72 9.87 27.27
CA SER B 150 -12.25 11.24 27.23
C SER B 150 -13.78 11.19 27.40
N TYR B 151 -14.42 10.20 26.78
CA TYR B 151 -15.86 10.09 26.93
C TYR B 151 -16.26 9.71 28.37
N ARG B 152 -15.47 8.85 29.02
CA ARG B 152 -15.75 8.42 30.39
C ARG B 152 -15.67 9.63 31.35
N ALA B 153 -14.70 10.51 31.12
CA ALA B 153 -14.53 11.68 31.96
C ALA B 153 -15.60 12.76 31.79
N MET B 154 -16.03 12.99 30.56
CA MET B 154 -17.02 14.02 30.25
C MET B 154 -18.49 13.55 30.16
N ALA B 155 -18.71 12.30 29.75
CA ALA B 155 -20.07 11.76 29.56
C ALA B 155 -20.65 12.19 28.20
N PHE B 156 -19.83 12.86 27.39
CA PHE B 156 -20.24 13.25 26.03
C PHE B 156 -18.99 13.19 25.14
N ASP B 157 -19.23 13.17 23.83
CA ASP B 157 -18.21 13.09 22.80
C ASP B 157 -17.84 14.49 22.31
N PHE B 158 -16.59 14.90 22.50
CA PHE B 158 -16.14 16.21 22.04
C PHE B 158 -16.37 16.35 20.55
N CYS B 159 -16.26 15.25 19.82
CA CYS B 159 -16.42 15.29 18.39
C CYS B 159 -17.86 15.53 17.95
N LYS B 160 -18.82 15.29 18.82
CA LYS B 160 -20.22 15.51 18.46
C LYS B 160 -20.74 16.85 18.98
N VAL B 161 -20.03 17.42 19.95
CA VAL B 161 -20.38 18.71 20.54
C VAL B 161 -20.76 19.76 19.47
N LYS B 162 -21.75 20.60 19.82
CA LYS B 162 -22.24 21.67 18.96
C LYS B 162 -22.85 21.10 17.67
N GLU B 167 -26.25 20.24 25.99
CA GLU B 167 -25.29 19.37 26.67
C GLU B 167 -24.16 20.17 27.33
N GLY B 168 -23.00 20.25 26.65
CA GLY B 168 -21.87 21.00 27.20
C GLY B 168 -21.00 21.62 26.12
N SER B 169 -21.31 22.84 25.69
CA SER B 169 -20.53 23.52 24.66
C SER B 169 -19.44 24.42 25.21
N LEU B 170 -18.20 24.08 24.84
CA LEU B 170 -17.03 24.82 25.27
C LEU B 170 -17.13 26.33 25.17
N ARG B 171 -17.90 26.82 24.22
CA ARG B 171 -18.01 28.26 24.04
C ARG B 171 -18.67 29.05 25.17
N SER B 172 -19.69 28.49 25.80
CA SER B 172 -20.38 29.22 26.87
C SER B 172 -20.25 28.61 28.26
N MET B 173 -19.42 27.59 28.36
CA MET B 173 -19.15 26.88 29.61
C MET B 173 -18.62 27.86 30.69
N ASN B 174 -18.92 27.61 31.96
CA ASN B 174 -18.44 28.50 33.04
C ASN B 174 -16.95 28.28 33.30
N ALA B 175 -16.26 29.30 33.77
CA ALA B 175 -14.82 29.23 34.00
C ALA B 175 -14.32 27.99 34.71
N GLU B 176 -15.10 27.54 35.68
CA GLU B 176 -14.74 26.37 36.47
C GLU B 176 -14.73 25.11 35.62
N LYS B 177 -15.86 24.82 34.99
CA LYS B 177 -15.96 23.63 34.16
C LYS B 177 -14.92 23.72 33.02
N LEU B 178 -14.77 24.91 32.45
CA LEU B 178 -13.84 25.14 31.36
C LEU B 178 -12.41 24.66 31.66
N LEU B 179 -11.89 25.06 32.81
CA LEU B 179 -10.53 24.69 33.19
C LEU B 179 -10.40 23.19 33.49
N LYS B 180 -11.50 22.52 33.76
CA LYS B 180 -11.43 21.09 34.02
C LYS B 180 -11.67 20.34 32.68
N THR B 181 -12.34 21.00 31.75
CA THR B 181 -12.61 20.36 30.48
C THR B 181 -11.43 20.47 29.50
N LEU B 182 -10.83 21.65 29.37
CA LEU B 182 -9.74 21.80 28.40
C LEU B 182 -8.64 20.74 28.51
N PRO B 183 -8.22 20.35 29.73
CA PRO B 183 -7.15 19.33 29.80
C PRO B 183 -7.54 17.99 29.18
N VAL B 184 -8.81 17.64 29.29
CA VAL B 184 -9.28 16.39 28.74
C VAL B 184 -9.32 16.42 27.22
N LEU B 185 -9.80 17.53 26.68
CA LEU B 185 -9.88 17.73 25.25
C LEU B 185 -8.45 17.73 24.71
N GLN B 186 -7.59 18.50 25.35
CA GLN B 186 -6.21 18.58 24.93
C GLN B 186 -5.52 17.20 24.94
N ALA B 187 -5.83 16.37 25.94
CA ALA B 187 -5.18 15.06 25.97
C ALA B 187 -5.73 14.16 24.85
N GLN B 188 -7.00 14.33 24.50
CA GLN B 188 -7.56 13.52 23.43
C GLN B 188 -6.87 13.93 22.09
N LEU B 189 -6.69 15.24 21.92
CA LEU B 189 -6.07 15.78 20.74
C LEU B 189 -4.59 15.42 20.64
N ASP B 190 -3.89 15.38 21.77
CA ASP B 190 -2.49 15.01 21.79
C ASP B 190 -2.32 13.54 21.37
N ALA B 191 -3.26 12.68 21.77
CA ALA B 191 -3.21 11.27 21.42
C ALA B 191 -3.43 11.13 19.89
N LEU B 192 -4.39 11.87 19.33
CA LEU B 192 -4.65 11.83 17.89
C LEU B 192 -3.39 12.27 17.15
N LEU B 193 -2.80 13.36 17.57
CA LEU B 193 -1.59 13.86 16.92
C LEU B 193 -0.35 12.94 16.99
N GLU B 194 -0.32 12.01 17.94
CA GLU B 194 0.83 11.10 18.03
C GLU B 194 0.86 10.13 16.84
N PHE B 195 -0.22 10.08 16.04
CA PHE B 195 -0.26 9.18 14.89
C PHE B 195 1.02 9.46 14.11
N ASP B 196 1.29 10.74 13.94
CA ASP B 196 2.51 11.20 13.34
C ASP B 196 3.03 10.52 12.06
N CYS B 197 2.24 10.57 11.00
CA CYS B 197 2.64 9.98 9.72
C CYS B 197 3.05 11.03 8.70
N GLN B 198 3.69 10.57 7.63
CA GLN B 198 4.11 11.41 6.52
C GLN B 198 3.30 10.87 5.33
N SER B 199 3.20 11.64 4.25
CA SER B 199 2.44 11.18 3.09
C SER B 199 2.90 9.81 2.57
N ASN B 200 4.20 9.58 2.50
CA ASN B 200 4.71 8.29 2.05
C ASN B 200 4.24 7.09 2.90
N ASP B 201 3.77 7.32 4.12
CA ASP B 201 3.29 6.21 4.94
C ASP B 201 1.87 5.83 4.56
N LEU B 202 1.13 6.78 4.00
CA LEU B 202 -0.27 6.56 3.64
C LEU B 202 -0.25 5.87 2.27
N SER B 203 0.16 4.60 2.29
CA SER B 203 0.34 3.85 1.06
C SER B 203 -0.51 2.58 0.84
N ASN B 204 -1.66 2.48 1.49
CA ASN B 204 -2.57 1.36 1.25
C ASN B 204 -3.92 1.75 1.80
N GLY B 205 -4.97 1.10 1.28
CA GLY B 205 -6.35 1.38 1.65
C GLY B 205 -6.71 1.29 3.13
N VAL B 206 -6.00 0.46 3.88
CA VAL B 206 -6.29 0.33 5.29
C VAL B 206 -5.80 1.55 6.11
N ILE B 207 -4.52 1.89 6.02
CA ILE B 207 -4.01 3.00 6.81
C ILE B 207 -4.69 4.29 6.35
N ASN B 208 -4.90 4.39 5.04
CA ASN B 208 -5.53 5.56 4.48
C ASN B 208 -6.94 5.78 5.01
N MET B 209 -7.69 4.71 5.28
CA MET B 209 -9.04 4.88 5.81
C MET B 209 -8.92 5.34 7.28
N SER B 210 -8.02 4.74 8.05
CA SER B 210 -7.86 5.15 9.43
C SER B 210 -7.50 6.63 9.45
N PHE B 211 -6.64 7.04 8.53
CA PHE B 211 -6.22 8.46 8.47
C PHE B 211 -7.40 9.38 8.19
N MET B 212 -8.32 8.90 7.35
CA MET B 212 -9.51 9.66 7.02
C MET B 212 -10.37 9.85 8.29
N LEU B 213 -10.53 8.81 9.08
CA LEU B 213 -11.30 8.93 10.30
C LEU B 213 -10.57 9.83 11.32
N LEU B 214 -9.23 9.80 11.36
CA LEU B 214 -8.49 10.65 12.29
C LEU B 214 -8.70 12.12 11.89
N PHE B 215 -8.61 12.38 10.59
CA PHE B 215 -8.80 13.71 10.04
C PHE B 215 -10.17 14.24 10.47
N ARG B 216 -11.21 13.44 10.30
CA ARG B 216 -12.55 13.87 10.67
C ARG B 216 -12.70 14.22 12.16
N ASP B 217 -12.12 13.37 13.03
CA ASP B 217 -12.14 13.63 14.46
C ASP B 217 -11.32 14.90 14.69
N LEU B 218 -10.15 15.01 14.06
CA LEU B 218 -9.29 16.17 14.29
C LEU B 218 -10.01 17.50 14.03
N ILE B 219 -10.67 17.61 12.88
CA ILE B 219 -11.43 18.81 12.50
C ILE B 219 -12.42 19.19 13.62
N ARG B 220 -13.14 18.21 14.16
CA ARG B 220 -14.11 18.46 15.22
C ARG B 220 -13.43 18.83 16.56
N LEU B 221 -12.36 18.12 16.91
CA LEU B 221 -11.66 18.43 18.15
C LEU B 221 -11.13 19.84 18.08
N PHE B 222 -10.54 20.18 16.95
CA PHE B 222 -9.93 21.49 16.72
C PHE B 222 -10.95 22.62 16.85
N ALA B 223 -12.14 22.45 16.26
CA ALA B 223 -13.19 23.47 16.33
C ALA B 223 -13.62 23.61 17.81
N CYS B 224 -13.78 22.47 18.47
CA CYS B 224 -14.18 22.46 19.85
C CYS B 224 -13.11 23.10 20.77
N TYR B 225 -11.85 22.87 20.43
CA TYR B 225 -10.73 23.39 21.20
C TYR B 225 -10.62 24.91 21.03
N ASN B 226 -10.84 25.39 19.82
CA ASN B 226 -10.77 26.82 19.57
C ASN B 226 -11.88 27.54 20.35
N ASP B 227 -13.07 26.96 20.36
CA ASP B 227 -14.18 27.55 21.09
C ASP B 227 -13.85 27.67 22.57
N GLY B 228 -13.26 26.61 23.11
CA GLY B 228 -12.92 26.60 24.52
C GLY B 228 -11.90 27.67 24.81
N ILE B 229 -10.93 27.82 23.93
CA ILE B 229 -9.89 28.81 24.14
C ILE B 229 -10.42 30.26 23.98
N ILE B 230 -11.40 30.48 23.10
CA ILE B 230 -11.94 31.84 22.94
C ILE B 230 -12.64 32.14 24.27
N ASN B 231 -13.44 31.18 24.74
CA ASN B 231 -14.13 31.34 25.99
C ASN B 231 -13.15 31.58 27.17
N LEU B 232 -12.03 30.85 27.17
CA LEU B 232 -11.03 31.01 28.22
C LEU B 232 -10.46 32.42 28.19
N LEU B 233 -10.24 32.93 26.99
CA LEU B 233 -9.67 34.25 26.83
C LEU B 233 -10.61 35.36 27.27
N GLU B 234 -11.90 35.19 27.02
CA GLU B 234 -12.81 36.24 27.43
C GLU B 234 -13.10 36.19 28.93
N LYS B 235 -12.66 35.14 29.60
CA LYS B 235 -12.88 35.04 31.04
C LYS B 235 -11.58 35.28 31.77
N TYR B 236 -10.49 35.25 31.02
CA TYR B 236 -9.17 35.44 31.60
C TYR B 236 -8.91 36.64 32.49
N PHE B 237 -9.32 37.82 32.04
CA PHE B 237 -9.04 39.01 32.82
C PHE B 237 -9.84 39.17 34.13
N ASP B 238 -10.86 38.34 34.33
CA ASP B 238 -11.66 38.41 35.55
C ASP B 238 -11.33 37.23 36.46
N MET B 239 -10.27 36.50 36.10
CA MET B 239 -9.83 35.34 36.85
C MET B 239 -8.90 35.70 38.00
N ASN B 240 -8.90 34.88 39.04
CA ASN B 240 -8.01 35.09 40.16
C ASN B 240 -6.62 34.65 39.72
N LYS B 241 -5.59 35.03 40.47
CA LYS B 241 -4.21 34.67 40.15
C LYS B 241 -3.98 33.19 39.87
N LYS B 242 -4.65 32.32 40.63
CA LYS B 242 -4.49 30.88 40.45
C LYS B 242 -5.04 30.39 39.11
N HIS B 243 -6.30 30.72 38.85
CA HIS B 243 -6.97 30.33 37.62
C HIS B 243 -6.33 30.96 36.40
N ALA B 244 -5.87 32.19 36.55
CA ALA B 244 -5.23 32.91 35.46
C ALA B 244 -3.95 32.20 35.02
N ARG B 245 -3.19 31.74 36.01
CA ARG B 245 -1.95 31.03 35.76
C ARG B 245 -2.27 29.73 35.01
N ASP B 246 -3.33 29.07 35.45
CA ASP B 246 -3.78 27.84 34.81
C ASP B 246 -4.21 28.09 33.36
N ALA B 247 -5.01 29.14 33.16
CA ALA B 247 -5.51 29.47 31.85
C ALA B 247 -4.36 29.85 30.93
N LEU B 248 -3.38 30.58 31.47
CA LEU B 248 -2.27 31.01 30.66
C LEU B 248 -1.45 29.81 30.13
N ASP B 249 -1.21 28.82 30.98
CA ASP B 249 -0.46 27.64 30.59
C ASP B 249 -1.23 26.87 29.51
N LEU B 250 -2.55 26.79 29.69
CA LEU B 250 -3.39 26.11 28.72
C LEU B 250 -3.36 26.81 27.37
N TYR B 251 -3.34 28.15 27.39
CA TYR B 251 -3.32 28.95 26.17
C TYR B 251 -1.99 28.72 25.44
N LYS B 252 -0.91 28.69 26.18
CA LYS B 252 0.38 28.43 25.56
C LYS B 252 0.40 27.01 24.96
N LYS B 253 -0.22 26.05 25.65
CA LYS B 253 -0.27 24.68 25.15
C LYS B 253 -1.08 24.66 23.83
N PHE B 254 -2.17 25.42 23.80
CA PHE B 254 -3.06 25.49 22.63
C PHE B 254 -2.29 25.98 21.41
N LEU B 255 -1.46 27.01 21.58
CA LEU B 255 -0.64 27.56 20.51
C LEU B 255 0.33 26.54 19.88
N VAL B 256 1.00 25.75 20.73
CA VAL B 256 1.91 24.72 20.23
C VAL B 256 1.05 23.73 19.44
N ARG B 257 -0.12 23.39 19.96
CA ARG B 257 -0.96 22.45 19.26
C ARG B 257 -1.54 22.94 17.93
N MET B 258 -1.78 24.23 17.81
CA MET B 258 -2.27 24.73 16.52
C MET B 258 -1.18 24.57 15.43
N ASP B 259 0.09 24.78 15.78
CA ASP B 259 1.13 24.52 14.77
C ASP B 259 1.14 23.02 14.39
N ARG B 260 0.98 22.14 15.39
CA ARG B 260 0.98 20.69 15.12
C ARG B 260 -0.24 20.30 14.25
N VAL B 261 -1.38 20.93 14.51
CA VAL B 261 -2.56 20.71 13.72
C VAL B 261 -2.27 21.20 12.28
N GLY B 262 -1.53 22.30 12.17
CA GLY B 262 -1.18 22.84 10.86
C GLY B 262 -0.39 21.82 10.07
N GLU B 263 0.59 21.17 10.70
CA GLU B 263 1.40 20.13 10.07
C GLU B 263 0.52 18.93 9.68
N PHE B 264 -0.37 18.51 10.56
CA PHE B 264 -1.26 17.37 10.27
C PHE B 264 -2.09 17.75 9.01
N LEU B 265 -2.61 18.98 8.98
CA LEU B 265 -3.43 19.48 7.88
C LEU B 265 -2.68 19.55 6.56
N LYS B 266 -1.39 19.86 6.61
CA LYS B 266 -0.56 19.90 5.41
C LYS B 266 -0.51 18.48 4.84
N VAL B 267 -0.27 17.51 5.71
CA VAL B 267 -0.23 16.14 5.22
C VAL B 267 -1.60 15.75 4.63
N ALA B 268 -2.68 16.18 5.27
CA ALA B 268 -4.02 15.86 4.82
C ALA B 268 -4.21 16.39 3.40
N GLU B 269 -3.86 17.65 3.17
CA GLU B 269 -3.99 18.25 1.87
C GLU B 269 -3.17 17.48 0.83
N ASN B 270 -1.95 17.09 1.22
CA ASN B 270 -1.07 16.34 0.35
C ASN B 270 -1.64 15.03 -0.12
N VAL B 271 -2.27 14.26 0.76
CA VAL B 271 -2.82 13.00 0.33
C VAL B 271 -4.11 13.14 -0.43
N GLY B 272 -4.51 14.36 -0.70
CA GLY B 272 -5.72 14.54 -1.49
C GLY B 272 -7.03 14.86 -0.80
N ILE B 273 -7.03 15.10 0.51
CA ILE B 273 -8.28 15.45 1.15
C ILE B 273 -8.63 16.81 0.58
N ASP B 274 -9.90 17.00 0.23
CA ASP B 274 -10.38 18.25 -0.37
C ASP B 274 -9.94 19.44 0.48
N LYS B 275 -9.40 20.45 -0.19
CA LYS B 275 -8.92 21.64 0.49
C LYS B 275 -10.08 22.44 1.04
N GLY B 276 -11.26 22.24 0.44
CA GLY B 276 -12.44 22.94 0.89
C GLY B 276 -12.88 22.41 2.24
N ASP B 277 -12.41 21.22 2.58
CA ASP B 277 -12.76 20.60 3.86
C ASP B 277 -11.68 20.87 4.91
N ILE B 278 -10.64 21.62 4.54
CA ILE B 278 -9.56 21.90 5.47
C ILE B 278 -9.64 23.31 6.06
N PRO B 279 -9.67 23.40 7.40
CA PRO B 279 -9.75 24.64 8.19
C PRO B 279 -8.66 25.63 7.84
N ASP B 280 -9.00 26.91 7.93
CA ASP B 280 -8.03 27.95 7.64
C ASP B 280 -7.48 28.34 8.99
N LEU B 281 -6.16 28.26 9.17
CA LEU B 281 -5.55 28.62 10.43
C LEU B 281 -4.77 29.92 10.32
N THR B 282 -4.91 30.78 11.30
CA THR B 282 -4.19 32.06 11.30
C THR B 282 -3.13 32.02 12.40
N LYS B 283 -1.99 32.66 12.17
CA LYS B 283 -0.92 32.70 13.15
C LYS B 283 -1.42 33.45 14.38
N ALA B 284 -0.92 33.07 15.55
CA ALA B 284 -1.34 33.72 16.79
C ALA B 284 -0.81 35.13 16.89
N PRO B 285 -1.56 36.02 17.58
CA PRO B 285 -1.18 37.42 17.76
C PRO B 285 -0.19 37.49 18.91
N SER B 286 1.02 37.95 18.62
CA SER B 286 2.07 38.07 19.60
C SER B 286 1.69 39.04 20.72
N SER B 287 1.09 40.17 20.35
CA SER B 287 0.67 41.20 21.28
C SER B 287 -0.26 40.64 22.34
N LEU B 288 -1.18 39.80 21.89
CA LEU B 288 -2.15 39.20 22.80
C LEU B 288 -1.45 38.45 23.94
N LEU B 289 -0.46 37.62 23.61
CA LEU B 289 0.25 36.86 24.63
C LEU B 289 0.94 37.82 25.60
N ASP B 290 1.47 38.91 25.08
CA ASP B 290 2.11 39.89 25.94
C ASP B 290 1.10 40.45 26.94
N ALA B 291 -0.10 40.79 26.46
CA ALA B 291 -1.13 41.33 27.34
C ALA B 291 -1.44 40.33 28.45
N LEU B 292 -1.65 39.07 28.09
CA LEU B 292 -1.96 38.02 29.05
C LEU B 292 -0.83 37.89 30.08
N GLU B 293 0.40 37.99 29.61
CA GLU B 293 1.56 37.90 30.48
C GLU B 293 1.55 39.07 31.47
N GLN B 294 1.45 40.30 30.94
CA GLN B 294 1.44 41.50 31.77
C GLN B 294 0.32 41.47 32.83
N HIS B 295 -0.88 41.11 32.41
CA HIS B 295 -2.00 41.03 33.34
C HIS B 295 -1.71 40.10 34.49
N LEU B 296 -1.15 38.94 34.19
CA LEU B 296 -0.84 37.98 35.25
C LEU B 296 0.29 38.49 36.11
N ALA B 297 1.20 39.25 35.52
CA ALA B 297 2.29 39.80 36.28
C ALA B 297 1.65 40.71 37.32
N THR B 298 0.74 41.56 36.86
CA THR B 298 0.03 42.48 37.75
C THR B 298 -0.65 41.80 38.93
N LEU B 299 -1.33 40.67 38.69
CA LEU B 299 -2.00 39.97 39.79
C LEU B 299 -0.95 39.44 40.77
S SO4 C . 12.04 5.62 -14.89
O1 SO4 C . 11.64 4.09 -15.17
O2 SO4 C . 12.97 5.57 -13.77
O3 SO4 C . 12.56 6.17 -15.94
O4 SO4 C . 10.80 6.20 -14.48
S SO4 D . 5.34 3.88 18.89
O1 SO4 D . 6.44 3.99 20.08
O2 SO4 D . 4.53 5.07 19.00
O3 SO4 D . 5.94 3.78 17.73
O4 SO4 D . 4.56 2.73 19.28
#